data_1XG2
#
_entry.id   1XG2
#
_cell.length_a   90.379
_cell.length_b   90.379
_cell.length_c   149.095
_cell.angle_alpha   90.00
_cell.angle_beta   90.00
_cell.angle_gamma   120.00
#
_symmetry.space_group_name_H-M   'P 32 2 1'
#
loop_
_entity.id
_entity.type
_entity.pdbx_description
1 polymer 'Pectinesterase 1'
2 polymer 'Pectinesterase inhibitor'
3 water water
#
loop_
_entity_poly.entity_id
_entity_poly.type
_entity_poly.pdbx_seq_one_letter_code
_entity_poly.pdbx_strand_id
1 'polypeptide(L)'
;IIANAVVAQDGTGDYQTLAEAVAAAPDKSKTRYVIYVKRGTYKENVEVASNKMNLMIVGDGMYATTITGSLNVVDGSTTF
RSATLAAVGQGFILQDICIQNTAGPAKDQAVALRVGADMSVINRCRIDAYQDTLYAHSQRQFYRDSYVTGTVDFIFGNAA
VVFQKCQLVARKPGKYQQNMVTAQGRTDPNQATGTSIQFCNIIASSDLEPVLKEFPTYLGRPWKEYSRTVVMESYLGGLI
NPAGWAEWDGDFALKTLYYGEFMNNGPGAGTSKRVKWPGYHVITDPAKAMPFTVAKLIQGGSWLRSTGVAYVDGLYD
;
A
2 'polypeptide(L)'
;FENHLISEICPKTRNPSLCLQALESDPRSASKDLKGLGQFSIDIAQASAKQTSKIIASLTNQATDPKLKGRYETCSENYA
DAIDSLGQAKQFLTSGDYNSLNIYASAAFDGAGTCEDSFEGPPNIPTQLHQADLKLEDLCDIVLVISNLLPGS
;
B
#
# COMPACT_ATOMS: atom_id res chain seq x y z
N ILE A 1 -20.02 -18.00 14.35
CA ILE A 1 -19.78 -16.65 14.99
C ILE A 1 -20.90 -15.64 14.64
N ILE A 2 -21.37 -14.91 15.66
CA ILE A 2 -22.38 -13.86 15.48
C ILE A 2 -21.69 -12.50 15.58
N ALA A 3 -22.21 -11.49 14.88
CA ALA A 3 -21.63 -10.14 14.89
C ALA A 3 -21.72 -9.49 16.26
N ASN A 4 -20.71 -8.67 16.59
CA ASN A 4 -20.70 -7.87 17.81
C ASN A 4 -21.44 -6.53 17.69
N ALA A 5 -21.56 -6.02 16.47
CA ALA A 5 -22.30 -4.78 16.23
C ALA A 5 -22.89 -4.83 14.85
N VAL A 6 -24.13 -4.36 14.72
CA VAL A 6 -24.83 -4.42 13.44
C VAL A 6 -25.13 -3.00 12.97
N VAL A 7 -24.86 -2.75 11.70
CA VAL A 7 -25.20 -1.48 11.05
C VAL A 7 -26.33 -1.75 10.07
N ALA A 8 -27.37 -0.92 10.14
CA ALA A 8 -28.52 -1.05 9.25
C ALA A 8 -29.26 0.28 9.09
N GLN A 9 -29.82 0.48 7.90
CA GLN A 9 -30.52 1.71 7.55
C GLN A 9 -31.99 1.71 7.97
N ASP A 10 -32.56 0.51 8.14
CA ASP A 10 -33.96 0.35 8.54
C ASP A 10 -34.21 0.28 10.06
N GLY A 11 -33.25 0.72 10.87
CA GLY A 11 -33.41 0.75 12.31
C GLY A 11 -33.33 -0.59 13.05
N THR A 12 -33.07 -1.68 12.33
CA THR A 12 -33.04 -3.03 12.92
C THR A 12 -31.69 -3.41 13.51
N GLY A 13 -30.72 -2.49 13.43
CA GLY A 13 -29.39 -2.76 13.95
C GLY A 13 -29.07 -1.95 15.19
N ASP A 14 -27.80 -1.97 15.56
CA ASP A 14 -27.27 -1.18 16.66
C ASP A 14 -26.95 0.25 16.24
N TYR A 15 -26.60 0.45 14.98
CA TYR A 15 -26.27 1.79 14.48
C TYR A 15 -26.78 1.97 13.06
N GLN A 16 -26.98 3.22 12.69
CA GLN A 16 -27.46 3.57 11.36
C GLN A 16 -26.32 3.78 10.35
N THR A 17 -25.13 4.10 10.84
CA THR A 17 -23.96 4.31 9.98
C THR A 17 -22.76 3.48 10.43
N LEU A 18 -21.89 3.20 9.46
CA LEU A 18 -20.67 2.44 9.71
C LEU A 18 -19.71 3.21 10.62
N ALA A 19 -19.59 4.51 10.40
CA ALA A 19 -18.66 5.32 11.20
C ALA A 19 -18.95 5.20 12.70
N GLU A 20 -20.23 5.20 13.07
CA GLU A 20 -20.61 5.10 14.48
C GLU A 20 -20.19 3.77 15.09
N ALA A 21 -20.39 2.69 14.34
CA ALA A 21 -20.01 1.35 14.81
C ALA A 21 -18.50 1.22 15.00
N VAL A 22 -17.73 1.78 14.08
CA VAL A 22 -16.29 1.74 14.20
C VAL A 22 -15.82 2.51 15.44
N ALA A 23 -16.36 3.71 15.64
CA ALA A 23 -16.03 4.51 16.83
C ALA A 23 -16.33 3.78 18.15
N ALA A 24 -17.42 3.04 18.19
CA ALA A 24 -17.84 2.33 19.41
C ALA A 24 -17.11 0.99 19.57
N ALA A 25 -16.38 0.55 18.55
CA ALA A 25 -15.64 -0.70 18.64
C ALA A 25 -14.52 -0.51 19.67
N PRO A 26 -14.11 -1.58 20.34
CA PRO A 26 -13.04 -1.50 21.33
C PRO A 26 -11.67 -1.16 20.73
N ASP A 27 -10.81 -0.51 21.53
CA ASP A 27 -9.44 -0.20 21.14
C ASP A 27 -8.48 -1.29 21.58
N LYS A 28 -7.56 -1.65 20.68
CA LYS A 28 -6.52 -2.64 20.97
C LYS A 28 -7.10 -3.97 21.45
N SER A 29 -8.20 -4.36 20.80
CA SER A 29 -8.83 -5.64 21.07
C SER A 29 -7.87 -6.79 20.71
N LYS A 30 -7.73 -7.75 21.62
CA LYS A 30 -6.86 -8.90 21.42
C LYS A 30 -7.56 -10.04 20.67
N THR A 31 -8.87 -9.89 20.44
CA THR A 31 -9.61 -10.79 19.55
C THR A 31 -10.40 -10.05 18.46
N ARG A 32 -10.77 -10.81 17.45
CA ARG A 32 -11.49 -10.28 16.31
C ARG A 32 -12.85 -9.77 16.75
N TYR A 33 -13.13 -8.52 16.40
CA TYR A 33 -14.40 -7.88 16.69
C TYR A 33 -15.11 -7.63 15.36
N VAL A 34 -16.37 -8.03 15.25
CA VAL A 34 -17.08 -8.06 13.97
C VAL A 34 -18.22 -7.05 13.91
N ILE A 35 -18.14 -6.15 12.93
CA ILE A 35 -19.24 -5.23 12.55
C ILE A 35 -19.90 -5.76 11.28
N TYR A 36 -21.19 -6.07 11.35
CA TYR A 36 -21.97 -6.55 10.20
C TYR A 36 -22.78 -5.37 9.67
N VAL A 37 -22.67 -5.10 8.38
CA VAL A 37 -23.37 -4.00 7.73
C VAL A 37 -24.42 -4.60 6.81
N LYS A 38 -25.69 -4.44 7.18
CA LYS A 38 -26.80 -4.95 6.38
C LYS A 38 -26.90 -4.26 5.03
N ARG A 39 -27.63 -4.87 4.11
CA ARG A 39 -27.72 -4.39 2.73
C ARG A 39 -28.19 -2.96 2.68
N GLY A 40 -27.65 -2.23 1.71
CA GLY A 40 -27.90 -0.82 1.58
C GLY A 40 -26.67 -0.13 1.04
N THR A 41 -26.85 1.13 0.63
CA THR A 41 -25.76 1.97 0.18
C THR A 41 -25.55 3.06 1.22
N TYR A 42 -24.31 3.15 1.72
CA TYR A 42 -23.98 4.03 2.83
C TYR A 42 -23.02 5.07 2.30
N LYS A 43 -23.51 6.30 2.23
CA LYS A 43 -22.80 7.43 1.66
C LYS A 43 -21.99 8.05 2.80
N GLU A 44 -20.82 7.49 3.06
CA GLU A 44 -19.93 7.98 4.11
C GLU A 44 -18.46 7.71 3.79
N ASN A 45 -17.60 8.54 4.36
CA ASN A 45 -16.16 8.35 4.34
C ASN A 45 -15.74 7.86 5.71
N VAL A 46 -15.29 6.61 5.75
CA VAL A 46 -14.99 5.91 6.98
C VAL A 46 -13.50 5.70 7.16
N GLU A 47 -13.04 5.83 8.39
CA GLU A 47 -11.64 5.64 8.73
C GLU A 47 -11.54 4.63 9.86
N VAL A 48 -10.66 3.65 9.70
CA VAL A 48 -10.39 2.67 10.75
C VAL A 48 -8.96 2.92 11.24
N ALA A 49 -8.83 3.63 12.35
CA ALA A 49 -7.55 4.14 12.81
C ALA A 49 -6.69 3.04 13.43
N SER A 50 -5.45 3.41 13.76
CA SER A 50 -4.45 2.47 14.20
C SER A 50 -4.83 1.79 15.50
N ASN A 51 -5.62 2.48 16.33
CA ASN A 51 -6.07 1.91 17.60
C ASN A 51 -7.21 0.89 17.44
N LYS A 52 -7.89 0.91 16.29
CA LYS A 52 -8.98 -0.02 16.00
C LYS A 52 -8.41 -1.28 15.37
N MET A 53 -7.91 -2.16 16.23
CA MET A 53 -7.20 -3.38 15.85
C MET A 53 -8.14 -4.57 15.75
N ASN A 54 -7.81 -5.49 14.85
CA ASN A 54 -8.52 -6.75 14.73
C ASN A 54 -10.02 -6.56 14.47
N LEU A 55 -10.34 -5.52 13.70
CA LEU A 55 -11.71 -5.21 13.34
C LEU A 55 -12.06 -5.91 12.04
N MET A 56 -13.20 -6.59 12.01
CA MET A 56 -13.75 -7.17 10.81
C MET A 56 -15.02 -6.40 10.43
N ILE A 57 -15.04 -5.84 9.22
CA ILE A 57 -16.23 -5.18 8.69
C ILE A 57 -16.75 -6.10 7.61
N VAL A 58 -17.96 -6.61 7.81
CA VAL A 58 -18.53 -7.57 6.88
C VAL A 58 -19.92 -7.12 6.47
N GLY A 59 -20.19 -7.12 5.18
CA GLY A 59 -21.50 -6.77 4.67
C GLY A 59 -22.34 -7.99 4.32
N ASP A 60 -23.42 -7.73 3.59
CA ASP A 60 -24.41 -8.74 3.22
C ASP A 60 -24.08 -9.36 1.86
N GLY A 61 -22.88 -9.09 1.34
CA GLY A 61 -22.52 -9.47 0.00
C GLY A 61 -21.96 -8.29 -0.79
N MET A 62 -21.01 -8.57 -1.67
CA MET A 62 -20.31 -7.52 -2.41
C MET A 62 -21.20 -6.74 -3.38
N TYR A 63 -22.37 -7.26 -3.72
CA TYR A 63 -23.33 -6.52 -4.55
C TYR A 63 -24.40 -5.82 -3.71
N ALA A 64 -24.61 -6.28 -2.49
CA ALA A 64 -25.71 -5.87 -1.61
C ALA A 64 -25.40 -4.74 -0.62
N THR A 65 -24.17 -4.68 -0.10
CA THR A 65 -23.76 -3.65 0.83
C THR A 65 -22.66 -2.82 0.18
N THR A 66 -22.89 -1.52 0.09
CA THR A 66 -21.95 -0.59 -0.56
C THR A 66 -21.64 0.59 0.35
N ILE A 67 -20.36 0.89 0.53
CA ILE A 67 -19.92 2.13 1.14
C ILE A 67 -19.44 2.99 0.00
N THR A 68 -19.98 4.22 -0.11
CA THR A 68 -19.70 5.06 -1.27
C THR A 68 -19.32 6.48 -0.88
N GLY A 69 -18.49 7.08 -1.73
CA GLY A 69 -18.04 8.45 -1.58
C GLY A 69 -17.54 8.95 -2.91
N SER A 70 -17.12 10.21 -2.98
CA SER A 70 -16.70 10.83 -4.25
C SER A 70 -15.58 11.87 -4.09
N LEU A 71 -14.82 11.82 -3.01
CA LEU A 71 -13.68 12.74 -2.84
C LEU A 71 -12.61 12.45 -3.89
N ASN A 72 -11.90 13.49 -4.30
CA ASN A 72 -11.04 13.42 -5.45
C ASN A 72 -10.06 14.59 -5.51
N VAL A 73 -9.02 14.42 -6.30
CA VAL A 73 -7.93 15.38 -6.37
C VAL A 73 -8.36 16.66 -7.07
N VAL A 74 -9.20 16.54 -8.10
CA VAL A 74 -9.66 17.71 -8.83
C VAL A 74 -10.39 18.71 -7.91
N ASP A 75 -11.18 18.19 -6.96
CA ASP A 75 -11.98 19.01 -6.05
C ASP A 75 -11.22 19.44 -4.81
N GLY A 76 -9.95 19.05 -4.71
CA GLY A 76 -9.08 19.55 -3.68
C GLY A 76 -8.65 18.59 -2.60
N SER A 77 -9.05 17.31 -2.68
CA SER A 77 -8.53 16.31 -1.78
C SER A 77 -7.13 15.87 -2.19
N THR A 78 -6.32 15.45 -1.24
CA THR A 78 -5.15 14.65 -1.59
C THR A 78 -5.64 13.25 -1.95
N THR A 79 -4.82 12.55 -2.72
CA THR A 79 -5.05 11.17 -3.03
C THR A 79 -5.24 10.36 -1.75
N PHE A 80 -4.33 10.54 -0.79
CA PHE A 80 -4.34 9.80 0.46
C PHE A 80 -5.66 9.96 1.20
N ARG A 81 -6.19 11.18 1.25
CA ARG A 81 -7.42 11.47 1.99
C ARG A 81 -8.71 11.39 1.14
N SER A 82 -8.58 10.95 -0.10
CA SER A 82 -9.74 10.79 -1.00
C SER A 82 -10.51 9.48 -0.80
N ALA A 83 -9.92 8.54 -0.04
CA ALA A 83 -10.52 7.20 0.13
C ALA A 83 -11.93 7.24 0.73
N THR A 84 -12.85 6.52 0.11
CA THR A 84 -14.16 6.27 0.72
C THR A 84 -14.00 5.56 2.05
N LEU A 85 -13.21 4.49 2.06
CA LEU A 85 -12.83 3.80 3.30
C LEU A 85 -11.31 3.68 3.38
N ALA A 86 -10.76 4.02 4.54
CA ALA A 86 -9.32 3.97 4.81
C ALA A 86 -9.12 3.18 6.11
N ALA A 87 -8.19 2.22 6.11
CA ALA A 87 -7.96 1.39 7.30
C ALA A 87 -6.47 1.17 7.54
N VAL A 88 -6.04 1.45 8.76
CA VAL A 88 -4.66 1.23 9.16
C VAL A 88 -4.55 0.37 10.42
N GLY A 89 -5.68 0.06 11.06
CA GLY A 89 -5.69 -0.76 12.27
C GLY A 89 -5.24 -2.19 11.98
N GLN A 90 -4.17 -2.62 12.66
CA GLN A 90 -3.59 -3.95 12.48
C GLN A 90 -4.64 -5.05 12.52
N GLY A 91 -4.52 -6.03 11.63
CA GLY A 91 -5.40 -7.20 11.60
C GLY A 91 -6.78 -6.96 10.97
N PHE A 92 -6.97 -5.79 10.35
CA PHE A 92 -8.21 -5.44 9.65
C PHE A 92 -8.66 -6.52 8.66
N ILE A 93 -9.96 -6.84 8.66
CA ILE A 93 -10.55 -7.76 7.70
C ILE A 93 -11.77 -7.05 7.13
N LEU A 94 -11.85 -7.03 5.79
CA LEU A 94 -12.98 -6.47 5.08
C LEU A 94 -13.54 -7.59 4.22
N GLN A 95 -14.86 -7.75 4.25
CA GLN A 95 -15.49 -8.90 3.61
C GLN A 95 -16.93 -8.65 3.18
N ASP A 96 -17.28 -9.27 2.06
CA ASP A 96 -18.65 -9.29 1.53
C ASP A 96 -19.27 -7.91 1.41
N ILE A 97 -18.53 -7.00 0.81
CA ILE A 97 -18.92 -5.59 0.81
C ILE A 97 -18.29 -4.91 -0.40
N CYS A 98 -18.91 -3.83 -0.85
CA CYS A 98 -18.38 -3.01 -1.94
C CYS A 98 -17.89 -1.68 -1.35
N ILE A 99 -16.69 -1.26 -1.73
CA ILE A 99 -16.21 0.08 -1.45
C ILE A 99 -16.07 0.76 -2.79
N GLN A 100 -16.68 1.93 -2.95
CA GLN A 100 -16.63 2.61 -4.21
C GLN A 100 -16.40 4.10 -4.08
N ASN A 101 -15.77 4.64 -5.12
CA ASN A 101 -15.63 6.08 -5.29
C ASN A 101 -16.24 6.43 -6.65
N THR A 102 -17.27 7.27 -6.64
CA THR A 102 -18.06 7.60 -7.84
C THR A 102 -17.64 8.89 -8.53
N ALA A 103 -16.49 9.45 -8.14
CA ALA A 103 -16.02 10.71 -8.73
C ALA A 103 -15.95 10.68 -10.25
N GLY A 104 -15.45 9.57 -10.79
CA GLY A 104 -15.35 9.40 -12.23
C GLY A 104 -13.99 9.80 -12.78
N PRO A 105 -13.72 9.44 -14.03
CA PRO A 105 -12.40 9.65 -14.64
C PRO A 105 -11.97 11.13 -14.76
N ALA A 106 -12.93 12.04 -14.97
CA ALA A 106 -12.61 13.45 -15.11
C ALA A 106 -12.17 14.11 -13.78
N LYS A 107 -12.32 13.41 -12.65
CA LYS A 107 -11.84 13.94 -11.36
C LYS A 107 -10.44 13.47 -10.96
N ASP A 108 -9.77 12.76 -11.87
CA ASP A 108 -8.42 12.23 -11.65
C ASP A 108 -8.38 11.31 -10.42
N GLN A 109 -7.32 11.37 -9.62
CA GLN A 109 -7.18 10.44 -8.49
C GLN A 109 -8.36 10.50 -7.52
N ALA A 110 -9.02 9.37 -7.33
CA ALA A 110 -10.17 9.28 -6.45
C ALA A 110 -10.27 7.83 -5.93
N VAL A 111 -9.75 7.61 -4.73
CA VAL A 111 -9.54 6.28 -4.15
C VAL A 111 -10.83 5.74 -3.57
N ALA A 112 -11.13 4.47 -3.86
CA ALA A 112 -12.20 3.77 -3.17
C ALA A 112 -11.72 3.28 -1.80
N LEU A 113 -10.75 2.38 -1.81
CA LEU A 113 -10.20 1.82 -0.58
C LEU A 113 -8.72 2.14 -0.42
N ARG A 114 -8.35 2.65 0.74
CA ARG A 114 -6.94 2.73 1.14
C ARG A 114 -6.70 1.81 2.33
N VAL A 115 -5.68 0.97 2.20
CA VAL A 115 -5.25 0.12 3.29
C VAL A 115 -3.80 0.37 3.62
N GLY A 116 -3.53 0.69 4.88
CA GLY A 116 -2.19 0.75 5.46
C GLY A 116 -2.14 -0.02 6.77
N ALA A 117 -2.88 -1.13 6.82
CA ALA A 117 -3.04 -1.98 7.98
C ALA A 117 -2.26 -3.26 7.74
N ASP A 118 -1.36 -3.58 8.65
CA ASP A 118 -0.59 -4.79 8.57
C ASP A 118 -1.44 -6.01 8.90
N MET A 119 -1.14 -7.12 8.23
CA MET A 119 -1.84 -8.39 8.35
C MET A 119 -3.35 -8.21 8.15
N SER A 120 -3.67 -7.50 7.08
CA SER A 120 -5.05 -7.25 6.70
C SER A 120 -5.49 -8.19 5.58
N VAL A 121 -6.78 -8.53 5.59
CA VAL A 121 -7.38 -9.40 4.60
C VAL A 121 -8.59 -8.71 4.00
N ILE A 122 -8.66 -8.70 2.68
CA ILE A 122 -9.81 -8.21 1.94
C ILE A 122 -10.36 -9.44 1.20
N ASN A 123 -11.53 -9.92 1.63
CA ASN A 123 -12.10 -11.18 1.19
C ASN A 123 -13.49 -10.97 0.59
N ARG A 124 -13.68 -11.40 -0.64
CA ARG A 124 -14.97 -11.35 -1.31
C ARG A 124 -15.53 -9.91 -1.32
N CYS A 125 -14.68 -8.96 -1.69
CA CYS A 125 -15.07 -7.56 -1.78
C CYS A 125 -15.06 -7.09 -3.21
N ARG A 126 -15.79 -6.01 -3.49
CA ARG A 126 -15.80 -5.37 -4.80
C ARG A 126 -15.28 -3.94 -4.57
N ILE A 127 -14.14 -3.59 -5.16
CA ILE A 127 -13.56 -2.26 -5.01
C ILE A 127 -13.66 -1.58 -6.34
N ASP A 128 -14.37 -0.45 -6.40
CA ASP A 128 -14.86 0.11 -7.66
C ASP A 128 -14.57 1.61 -7.72
N ALA A 129 -13.74 2.01 -8.67
CA ALA A 129 -13.52 3.41 -9.03
C ALA A 129 -12.89 3.47 -10.43
N TYR A 130 -12.17 4.56 -10.71
CA TYR A 130 -11.50 4.74 -12.00
C TYR A 130 -10.01 4.89 -11.77
N GLN A 131 -9.50 6.12 -11.66
CA GLN A 131 -8.07 6.31 -11.42
C GLN A 131 -7.78 6.13 -9.94
N ASP A 132 -6.79 5.28 -9.62
CA ASP A 132 -6.33 5.06 -8.25
C ASP A 132 -7.37 4.37 -7.36
N THR A 133 -8.12 3.43 -7.91
CA THR A 133 -9.16 2.73 -7.15
C THR A 133 -8.71 2.20 -5.79
N LEU A 134 -7.58 1.48 -5.77
CA LEU A 134 -7.12 0.74 -4.60
C LEU A 134 -5.72 1.18 -4.21
N TYR A 135 -5.65 1.90 -3.10
CA TYR A 135 -4.40 2.37 -2.53
C TYR A 135 -3.93 1.37 -1.48
N ALA A 136 -3.22 0.35 -1.94
CA ALA A 136 -2.58 -0.61 -1.07
C ALA A 136 -1.28 0.05 -0.66
N HIS A 137 -1.39 0.88 0.39
CA HIS A 137 -0.43 1.92 0.74
C HIS A 137 0.86 1.34 1.32
N SER A 138 0.71 0.49 2.33
CA SER A 138 1.85 0.00 3.09
C SER A 138 1.41 -1.17 3.91
N GLN A 139 2.38 -1.85 4.51
CA GLN A 139 2.19 -3.03 5.34
C GLN A 139 1.79 -4.25 4.52
N ARG A 140 1.57 -5.37 5.21
CA ARG A 140 1.30 -6.64 4.54
C ARG A 140 -0.21 -6.86 4.39
N GLN A 141 -0.62 -7.16 3.17
CA GLN A 141 -2.03 -7.26 2.80
C GLN A 141 -2.27 -8.48 1.90
N PHE A 142 -3.44 -9.08 2.06
CA PHE A 142 -3.88 -10.21 1.27
C PHE A 142 -5.29 -9.92 0.77
N TYR A 143 -5.45 -10.03 -0.55
CA TYR A 143 -6.72 -9.88 -1.24
C TYR A 143 -7.09 -11.22 -1.84
N ARG A 144 -8.30 -11.67 -1.56
CA ARG A 144 -8.76 -12.99 -1.96
C ARG A 144 -10.19 -12.93 -2.46
N ASP A 145 -10.45 -13.63 -3.57
CA ASP A 145 -11.80 -13.80 -4.10
C ASP A 145 -12.53 -12.47 -4.33
N SER A 146 -11.79 -11.44 -4.72
CA SER A 146 -12.35 -10.09 -4.79
C SER A 146 -12.35 -9.57 -6.22
N TYR A 147 -13.13 -8.52 -6.44
CA TYR A 147 -13.21 -7.85 -7.72
C TYR A 147 -12.65 -6.45 -7.48
N VAL A 148 -11.64 -6.06 -8.26
CA VAL A 148 -11.09 -4.72 -8.21
C VAL A 148 -11.19 -4.17 -9.63
N THR A 149 -11.85 -3.03 -9.79
CA THR A 149 -11.97 -2.41 -11.10
C THR A 149 -11.52 -0.95 -11.11
N GLY A 150 -10.93 -0.56 -12.24
CA GLY A 150 -10.49 0.81 -12.41
C GLY A 150 -9.90 1.09 -13.77
N THR A 151 -9.18 2.20 -13.90
CA THR A 151 -8.60 2.59 -15.17
C THR A 151 -7.10 2.83 -15.02
N VAL A 152 -6.74 4.04 -14.58
CA VAL A 152 -5.36 4.48 -14.50
C VAL A 152 -4.81 4.19 -13.10
N ASP A 153 -3.79 3.33 -13.03
CA ASP A 153 -3.06 3.03 -11.80
C ASP A 153 -4.00 2.50 -10.73
N PHE A 154 -4.84 1.53 -11.07
CA PHE A 154 -5.94 1.22 -10.15
C PHE A 154 -5.56 0.32 -8.97
N ILE A 155 -4.35 -0.23 -9.00
CA ILE A 155 -3.75 -0.82 -7.80
C ILE A 155 -2.39 -0.19 -7.61
N PHE A 156 -2.26 0.64 -6.59
CA PHE A 156 -1.05 1.45 -6.43
C PHE A 156 -0.66 1.59 -4.96
N GLY A 157 0.60 1.98 -4.73
CA GLY A 157 1.12 2.11 -3.38
C GLY A 157 2.39 1.28 -3.19
N ASN A 158 2.71 0.98 -1.94
CA ASN A 158 3.94 0.27 -1.62
C ASN A 158 3.75 -0.72 -0.49
N ALA A 159 2.57 -1.37 -0.46
CA ALA A 159 2.35 -2.51 0.44
C ALA A 159 3.23 -3.68 0.02
N ALA A 160 3.43 -4.63 0.93
CA ALA A 160 3.77 -5.98 0.50
C ALA A 160 2.41 -6.68 0.40
N VAL A 161 2.01 -7.00 -0.82
CA VAL A 161 0.64 -7.38 -1.08
C VAL A 161 0.53 -8.50 -2.12
N VAL A 162 -0.29 -9.50 -1.79
CA VAL A 162 -0.67 -10.56 -2.72
C VAL A 162 -2.16 -10.54 -3.02
N PHE A 163 -2.48 -10.53 -4.30
CA PHE A 163 -3.84 -10.72 -4.82
C PHE A 163 -3.93 -12.15 -5.31
N GLN A 164 -4.90 -12.89 -4.78
CA GLN A 164 -5.07 -14.28 -5.15
C GLN A 164 -6.51 -14.56 -5.50
N LYS A 165 -6.73 -15.17 -6.67
CA LYS A 165 -8.08 -15.49 -7.13
C LYS A 165 -9.02 -14.28 -7.14
N CYS A 166 -8.48 -13.14 -7.55
CA CYS A 166 -9.25 -11.92 -7.76
C CYS A 166 -9.46 -11.71 -9.24
N GLN A 167 -10.53 -10.99 -9.57
CA GLN A 167 -10.74 -10.51 -10.93
C GLN A 167 -10.35 -9.02 -10.95
N LEU A 168 -9.32 -8.72 -11.70
CA LEU A 168 -8.80 -7.36 -11.87
C LEU A 168 -9.29 -6.91 -13.24
N VAL A 169 -10.23 -5.96 -13.20
CA VAL A 169 -11.06 -5.61 -14.34
C VAL A 169 -10.78 -4.17 -14.76
N ALA A 170 -10.11 -4.02 -15.88
CA ALA A 170 -9.92 -2.70 -16.46
C ALA A 170 -11.22 -2.29 -17.18
N ARG A 171 -11.60 -1.03 -17.02
CA ARG A 171 -12.83 -0.50 -17.60
C ARG A 171 -12.53 0.61 -18.60
N LYS A 172 -13.57 1.10 -19.26
CA LYS A 172 -13.41 2.17 -20.25
C LYS A 172 -13.08 3.49 -19.56
N PRO A 173 -11.93 4.07 -19.87
CA PRO A 173 -11.53 5.33 -19.27
C PRO A 173 -11.99 6.54 -20.09
N GLY A 174 -11.51 7.73 -19.73
CA GLY A 174 -11.75 8.92 -20.54
C GLY A 174 -10.91 8.96 -21.80
N LYS A 175 -11.25 9.90 -22.70
CA LYS A 175 -10.61 10.02 -24.00
C LYS A 175 -9.09 10.11 -23.85
N TYR A 176 -8.38 9.35 -24.66
CA TYR A 176 -6.92 9.36 -24.74
C TYR A 176 -6.21 8.75 -23.53
N GLN A 177 -6.95 8.23 -22.56
CA GLN A 177 -6.32 7.63 -21.40
C GLN A 177 -5.82 6.24 -21.72
N GLN A 178 -4.86 5.80 -20.93
CA GLN A 178 -4.29 4.46 -21.01
C GLN A 178 -4.40 3.79 -19.63
N ASN A 179 -5.01 2.62 -19.61
CA ASN A 179 -5.22 1.90 -18.34
C ASN A 179 -3.91 1.25 -17.87
N MET A 180 -3.70 1.28 -16.56
CA MET A 180 -2.57 0.62 -15.91
C MET A 180 -3.14 -0.11 -14.70
N VAL A 181 -3.05 -1.43 -14.72
CA VAL A 181 -3.53 -2.26 -13.60
C VAL A 181 -2.79 -1.92 -12.34
N THR A 182 -1.47 -1.80 -12.43
CA THR A 182 -0.63 -1.43 -11.27
C THR A 182 0.21 -0.19 -11.51
N ALA A 183 0.49 0.51 -10.42
CA ALA A 183 1.51 1.55 -10.36
C ALA A 183 2.21 1.37 -9.02
N GLN A 184 3.14 0.43 -8.98
CA GLN A 184 3.78 0.04 -7.73
C GLN A 184 4.84 1.07 -7.37
N GLY A 185 4.83 1.54 -6.14
CA GLY A 185 5.61 2.70 -5.73
C GLY A 185 6.73 2.43 -4.73
N ARG A 186 7.47 1.34 -4.90
CA ARG A 186 8.67 1.10 -4.09
C ARG A 186 9.80 2.02 -4.51
N THR A 187 10.24 2.85 -3.57
CA THR A 187 11.19 3.92 -3.80
C THR A 187 12.63 3.47 -3.55
N ASP A 188 12.77 2.41 -2.77
CA ASP A 188 14.03 2.09 -2.12
C ASP A 188 14.18 0.56 -2.16
N PRO A 189 15.31 0.07 -2.68
CA PRO A 189 15.53 -1.36 -2.85
C PRO A 189 15.73 -2.14 -1.55
N ASN A 190 15.90 -1.44 -0.42
CA ASN A 190 16.01 -2.08 0.88
C ASN A 190 14.63 -2.41 1.47
N GLN A 191 13.57 -1.89 0.86
CA GLN A 191 12.21 -2.16 1.27
C GLN A 191 11.73 -3.52 0.74
N ALA A 192 11.22 -4.37 1.63
CA ALA A 192 10.71 -5.69 1.23
C ALA A 192 9.23 -5.62 0.84
N THR A 193 8.94 -4.81 -0.16
CA THR A 193 7.58 -4.57 -0.59
C THR A 193 7.45 -4.88 -2.06
N GLY A 194 6.20 -4.87 -2.53
CA GLY A 194 5.89 -5.13 -3.91
C GLY A 194 4.51 -5.70 -4.07
N THR A 195 4.06 -5.78 -5.31
CA THR A 195 2.74 -6.28 -5.63
C THR A 195 2.85 -7.60 -6.37
N SER A 196 2.16 -8.61 -5.88
CA SER A 196 2.15 -9.92 -6.50
C SER A 196 0.70 -10.26 -6.83
N ILE A 197 0.47 -10.66 -8.09
CA ILE A 197 -0.85 -11.00 -8.57
C ILE A 197 -0.76 -12.47 -9.02
N GLN A 198 -1.55 -13.33 -8.39
CA GLN A 198 -1.42 -14.78 -8.55
C GLN A 198 -2.78 -15.45 -8.68
N PHE A 199 -2.94 -16.33 -9.66
CA PHE A 199 -4.21 -17.02 -9.91
C PHE A 199 -5.37 -16.06 -10.08
N CYS A 200 -5.10 -14.92 -10.72
CA CYS A 200 -6.11 -13.90 -10.93
C CYS A 200 -6.59 -13.93 -12.38
N ASN A 201 -7.68 -13.20 -12.59
CA ASN A 201 -8.26 -12.99 -13.90
C ASN A 201 -8.07 -11.53 -14.22
N ILE A 202 -7.24 -11.19 -15.21
CA ILE A 202 -7.07 -9.79 -15.61
C ILE A 202 -7.78 -9.62 -16.94
N ILE A 203 -8.91 -8.92 -16.89
CA ILE A 203 -9.86 -8.91 -17.98
C ILE A 203 -10.43 -7.51 -18.21
N ALA A 204 -11.19 -7.39 -19.29
CA ALA A 204 -11.87 -6.15 -19.64
C ALA A 204 -13.33 -6.19 -19.17
N SER A 205 -13.82 -5.05 -18.74
CA SER A 205 -15.24 -4.83 -18.52
C SER A 205 -15.98 -4.86 -19.85
N SER A 206 -17.31 -4.96 -19.78
CA SER A 206 -18.13 -4.97 -20.99
C SER A 206 -18.03 -3.65 -21.76
N ASP A 207 -17.81 -2.53 -21.07
CA ASP A 207 -17.67 -1.26 -21.79
C ASP A 207 -16.27 -1.01 -22.42
N LEU A 208 -15.26 -1.75 -21.98
CA LEU A 208 -13.92 -1.67 -22.57
C LEU A 208 -13.73 -2.63 -23.73
N GLU A 209 -14.33 -3.82 -23.64
CA GLU A 209 -14.14 -4.88 -24.63
C GLU A 209 -14.34 -4.45 -26.11
N PRO A 210 -15.37 -3.67 -26.42
CA PRO A 210 -15.55 -3.23 -27.83
C PRO A 210 -14.50 -2.21 -28.32
N VAL A 211 -13.79 -1.55 -27.40
CA VAL A 211 -12.90 -0.44 -27.74
C VAL A 211 -11.47 -0.65 -27.26
N LEU A 212 -11.04 -1.91 -27.22
CA LEU A 212 -9.67 -2.27 -26.81
C LEU A 212 -8.59 -1.54 -27.58
N LYS A 213 -8.82 -1.36 -28.88
CA LYS A 213 -7.81 -0.74 -29.75
C LYS A 213 -7.71 0.78 -29.52
N GLU A 214 -8.76 1.39 -28.98
CA GLU A 214 -8.71 2.81 -28.65
C GLU A 214 -8.08 3.08 -27.27
N PHE A 215 -8.30 2.17 -26.33
CA PHE A 215 -7.86 2.34 -24.93
C PHE A 215 -7.00 1.16 -24.54
N PRO A 216 -5.69 1.34 -24.51
CA PRO A 216 -4.80 0.24 -24.21
C PRO A 216 -4.79 -0.01 -22.70
N THR A 217 -4.44 -1.23 -22.31
CA THR A 217 -4.31 -1.57 -20.90
C THR A 217 -2.96 -2.23 -20.71
N TYR A 218 -2.19 -1.73 -19.74
CA TYR A 218 -0.92 -2.32 -19.40
C TYR A 218 -1.01 -2.90 -18.00
N LEU A 219 -0.15 -3.88 -17.73
CA LEU A 219 -0.04 -4.49 -16.42
C LEU A 219 0.47 -3.53 -15.36
N GLY A 220 1.35 -2.61 -15.75
CA GLY A 220 1.83 -1.60 -14.84
C GLY A 220 2.74 -0.57 -15.47
N ARG A 221 2.99 0.49 -14.70
CA ARG A 221 4.02 1.48 -15.01
C ARG A 221 4.72 1.87 -13.70
N PRO A 222 6.01 2.20 -13.78
CA PRO A 222 6.82 2.45 -12.58
C PRO A 222 6.68 3.83 -11.97
N TRP A 223 5.73 3.96 -11.07
CA TRP A 223 5.48 5.21 -10.34
C TRP A 223 6.77 5.63 -9.63
N LYS A 224 7.47 4.65 -9.05
CA LYS A 224 8.72 4.94 -8.35
C LYS A 224 9.85 4.08 -8.86
N GLU A 225 11.06 4.45 -8.46
CA GLU A 225 12.28 4.01 -9.13
C GLU A 225 12.53 2.51 -9.03
N TYR A 226 12.17 1.94 -7.88
CA TYR A 226 12.29 0.51 -7.64
C TYR A 226 10.96 -0.23 -7.63
N SER A 227 10.04 0.20 -8.50
CA SER A 227 8.73 -0.44 -8.71
C SER A 227 8.94 -1.94 -8.84
N ARG A 228 8.12 -2.72 -8.13
CA ARG A 228 8.30 -4.16 -8.12
C ARG A 228 6.97 -4.88 -8.14
N THR A 229 6.69 -5.55 -9.26
CA THR A 229 5.42 -6.15 -9.54
C THR A 229 5.62 -7.44 -10.30
N VAL A 230 4.91 -8.49 -9.89
CA VAL A 230 4.94 -9.76 -10.59
C VAL A 230 3.55 -10.28 -10.77
N VAL A 231 3.28 -10.75 -11.98
CA VAL A 231 2.00 -11.31 -12.34
C VAL A 231 2.26 -12.76 -12.71
N MET A 232 1.69 -13.71 -11.96
CA MET A 232 1.97 -15.12 -12.20
C MET A 232 0.78 -16.06 -12.09
N GLU A 233 0.85 -17.15 -12.85
CA GLU A 233 -0.20 -18.15 -12.90
C GLU A 233 -1.59 -17.52 -13.05
N SER A 234 -1.67 -16.50 -13.87
CA SER A 234 -2.90 -15.73 -14.05
C SER A 234 -3.35 -15.76 -15.51
N TYR A 235 -4.64 -15.52 -15.68
CA TYR A 235 -5.24 -15.36 -17.00
C TYR A 235 -5.17 -13.90 -17.38
N LEU A 236 -4.61 -13.64 -18.55
CA LEU A 236 -4.52 -12.28 -19.10
C LEU A 236 -5.36 -12.21 -20.37
N GLY A 237 -6.38 -11.35 -20.36
CA GLY A 237 -7.25 -11.15 -21.51
C GLY A 237 -6.53 -10.43 -22.64
N GLY A 238 -7.18 -10.38 -23.80
CA GLY A 238 -6.62 -9.71 -24.96
C GLY A 238 -6.46 -8.21 -24.79
N LEU A 239 -7.07 -7.64 -23.75
CA LEU A 239 -6.90 -6.22 -23.46
C LEU A 239 -5.46 -5.83 -23.15
N ILE A 240 -4.65 -6.79 -22.71
CA ILE A 240 -3.29 -6.47 -22.29
C ILE A 240 -2.41 -6.21 -23.52
N ASN A 241 -1.93 -4.97 -23.61
CA ASN A 241 -1.04 -4.54 -24.67
C ASN A 241 0.15 -5.51 -24.86
N PRO A 242 0.50 -5.84 -26.10
CA PRO A 242 1.68 -6.67 -26.39
C PRO A 242 2.98 -6.25 -25.66
N ALA A 243 3.20 -4.95 -25.51
CA ALA A 243 4.33 -4.43 -24.75
C ALA A 243 4.28 -4.82 -23.26
N GLY A 244 3.07 -5.04 -22.75
CA GLY A 244 2.86 -5.56 -21.40
C GLY A 244 2.87 -4.49 -20.32
N TRP A 245 3.87 -3.62 -20.39
CA TRP A 245 4.15 -2.61 -19.37
C TRP A 245 4.44 -1.29 -20.06
N ALA A 246 4.20 -0.19 -19.35
CA ALA A 246 4.34 1.15 -19.90
C ALA A 246 5.33 1.99 -19.12
N GLU A 247 5.96 2.90 -19.84
CA GLU A 247 6.82 3.89 -19.23
C GLU A 247 6.01 4.81 -18.32
N TRP A 248 6.66 5.28 -17.26
CA TRP A 248 6.12 6.35 -16.43
C TRP A 248 6.52 7.70 -17.04
N ASP A 249 7.81 7.88 -17.28
CA ASP A 249 8.35 9.11 -17.83
C ASP A 249 9.65 8.79 -18.55
N GLY A 250 9.54 8.53 -19.85
CA GLY A 250 10.69 8.12 -20.63
C GLY A 250 11.38 6.91 -20.02
N ASP A 251 12.68 7.03 -19.80
CA ASP A 251 13.47 5.92 -19.30
C ASP A 251 13.59 5.84 -17.76
N PHE A 252 12.84 6.66 -17.04
CA PHE A 252 12.78 6.57 -15.58
C PHE A 252 12.49 5.14 -15.12
N ALA A 253 13.35 4.63 -14.25
CA ALA A 253 13.15 3.37 -13.53
C ALA A 253 13.40 2.11 -14.33
N LEU A 254 13.64 2.23 -15.64
CA LEU A 254 13.58 1.05 -16.51
C LEU A 254 14.67 0.02 -16.21
N LYS A 255 15.77 0.45 -15.61
CA LYS A 255 16.85 -0.45 -15.21
C LYS A 255 16.71 -0.96 -13.77
N THR A 256 15.97 -0.22 -12.93
CA THR A 256 15.92 -0.51 -11.49
C THR A 256 14.59 -1.13 -11.01
N LEU A 257 13.53 -0.98 -11.79
CA LEU A 257 12.28 -1.69 -11.52
C LEU A 257 12.51 -3.19 -11.68
N TYR A 258 11.62 -3.98 -11.10
CA TYR A 258 11.58 -5.42 -11.32
C TYR A 258 10.13 -5.80 -11.60
N TYR A 259 9.85 -6.06 -12.88
CA TYR A 259 8.57 -6.53 -13.34
C TYR A 259 8.74 -7.92 -13.89
N GLY A 260 7.96 -8.86 -13.40
CA GLY A 260 8.08 -10.24 -13.80
C GLY A 260 6.76 -10.86 -14.19
N GLU A 261 6.83 -11.81 -15.12
CA GLU A 261 5.70 -12.66 -15.47
C GLU A 261 6.13 -14.13 -15.45
N PHE A 262 5.33 -14.96 -14.79
CA PHE A 262 5.61 -16.39 -14.60
C PHE A 262 4.36 -17.20 -14.88
N MET A 263 4.41 -18.01 -15.94
CA MET A 263 3.41 -19.05 -16.22
C MET A 263 1.97 -18.51 -16.32
N ASN A 264 1.81 -17.35 -16.93
CA ASN A 264 0.48 -16.83 -17.24
C ASN A 264 -0.13 -17.53 -18.47
N ASN A 265 -1.44 -17.40 -18.62
CA ASN A 265 -2.14 -17.99 -19.77
C ASN A 265 -3.16 -16.99 -20.29
N GLY A 266 -3.77 -17.31 -21.43
CA GLY A 266 -4.75 -16.44 -22.04
C GLY A 266 -4.22 -15.63 -23.20
N PRO A 267 -5.12 -14.99 -23.94
CA PRO A 267 -4.75 -14.28 -25.18
C PRO A 267 -3.79 -13.10 -25.01
N GLY A 268 -3.69 -12.53 -23.81
CA GLY A 268 -2.75 -11.45 -23.56
C GLY A 268 -1.46 -11.85 -22.87
N ALA A 269 -1.22 -13.16 -22.70
CA ALA A 269 -0.08 -13.67 -21.92
C ALA A 269 1.23 -13.87 -22.69
N GLY A 270 1.15 -13.84 -24.02
CA GLY A 270 2.35 -13.95 -24.86
C GLY A 270 3.36 -12.85 -24.56
N THR A 271 4.63 -13.21 -24.47
CA THR A 271 5.67 -12.27 -24.06
C THR A 271 6.68 -11.89 -25.16
N SER A 272 6.47 -12.35 -26.39
CA SER A 272 7.46 -12.14 -27.45
C SER A 272 7.56 -10.68 -27.93
N LYS A 273 6.56 -9.85 -27.62
CA LYS A 273 6.63 -8.44 -28.02
C LYS A 273 6.64 -7.50 -26.80
N ARG A 274 7.01 -8.04 -25.65
CA ARG A 274 7.13 -7.25 -24.43
C ARG A 274 8.25 -6.25 -24.52
N VAL A 275 8.19 -5.24 -23.67
CA VAL A 275 9.28 -4.30 -23.49
C VAL A 275 10.57 -5.07 -23.24
N LYS A 276 11.69 -4.46 -23.61
CA LYS A 276 13.00 -5.09 -23.47
C LYS A 276 13.80 -4.45 -22.34
N TRP A 277 13.09 -3.82 -21.40
CA TRP A 277 13.73 -3.10 -20.30
C TRP A 277 14.58 -4.10 -19.52
N PRO A 278 15.77 -3.68 -19.06
CA PRO A 278 16.59 -4.53 -18.19
C PRO A 278 15.82 -5.02 -16.97
N GLY A 279 14.92 -4.18 -16.45
CA GLY A 279 14.13 -4.51 -15.29
C GLY A 279 12.94 -5.43 -15.52
N TYR A 280 12.62 -5.71 -16.79
CA TYR A 280 11.56 -6.65 -17.12
C TYR A 280 12.09 -8.07 -17.32
N HIS A 281 11.41 -9.04 -16.71
CA HIS A 281 11.85 -10.42 -16.71
C HIS A 281 10.74 -11.41 -17.01
N VAL A 282 10.93 -12.20 -18.08
CA VAL A 282 10.12 -13.39 -18.28
C VAL A 282 10.72 -14.43 -17.34
N ILE A 283 9.99 -14.79 -16.29
CA ILE A 283 10.45 -15.75 -15.32
C ILE A 283 10.06 -17.17 -15.74
N THR A 284 11.06 -18.04 -15.92
CA THR A 284 10.85 -19.47 -16.16
C THR A 284 11.26 -20.33 -14.96
N ASP A 285 12.16 -19.83 -14.13
CA ASP A 285 12.66 -20.56 -12.96
C ASP A 285 11.76 -20.34 -11.74
N PRO A 286 11.13 -21.39 -11.22
CA PRO A 286 10.23 -21.28 -10.06
C PRO A 286 10.85 -20.63 -8.83
N ALA A 287 12.15 -20.83 -8.62
CA ALA A 287 12.86 -20.23 -7.50
C ALA A 287 12.88 -18.69 -7.57
N LYS A 288 12.78 -18.14 -8.77
CA LYS A 288 12.69 -16.68 -8.97
C LYS A 288 11.26 -16.13 -8.81
N ALA A 289 10.26 -17.01 -8.92
CA ALA A 289 8.87 -16.65 -8.65
C ALA A 289 8.54 -16.76 -7.16
N MET A 290 9.29 -17.60 -6.44
CA MET A 290 8.96 -17.94 -5.05
C MET A 290 8.92 -16.75 -4.08
N PRO A 291 9.80 -15.78 -4.25
CA PRO A 291 9.79 -14.58 -3.39
C PRO A 291 8.47 -13.80 -3.38
N PHE A 292 7.62 -14.05 -4.38
CA PHE A 292 6.37 -13.32 -4.53
C PHE A 292 5.14 -14.09 -4.08
N THR A 293 5.37 -15.21 -3.40
CA THR A 293 4.29 -16.03 -2.85
C THR A 293 3.85 -15.48 -1.51
N VAL A 294 2.70 -15.95 -1.05
CA VAL A 294 2.16 -15.55 0.24
C VAL A 294 3.17 -15.83 1.35
N ALA A 295 3.80 -17.00 1.27
CA ALA A 295 4.77 -17.42 2.27
C ALA A 295 5.95 -16.45 2.37
N LYS A 296 6.47 -15.99 1.24
CA LYS A 296 7.70 -15.20 1.26
C LYS A 296 7.47 -13.69 1.29
N LEU A 297 6.47 -13.21 0.56
CA LEU A 297 6.30 -11.75 0.42
C LEU A 297 5.56 -11.13 1.61
N ILE A 298 4.57 -11.85 2.14
CA ILE A 298 3.78 -11.36 3.27
C ILE A 298 3.81 -12.27 4.51
N GLN A 299 4.72 -13.23 4.56
CA GLN A 299 4.82 -14.13 5.72
C GLN A 299 3.45 -14.64 6.16
N GLY A 300 2.63 -15.02 5.18
CA GLY A 300 1.19 -15.08 5.36
C GLY A 300 0.66 -16.07 6.39
N GLY A 301 1.25 -17.24 6.46
CA GLY A 301 0.74 -18.27 7.36
C GLY A 301 0.72 -17.83 8.81
N SER A 302 1.78 -17.15 9.24
CA SER A 302 1.91 -16.68 10.62
C SER A 302 0.73 -15.85 11.09
N TRP A 303 -0.06 -15.36 10.15
CA TRP A 303 -1.27 -14.63 10.48
C TRP A 303 -2.51 -14.98 9.65
N LEU A 304 -2.38 -15.60 8.48
CA LEU A 304 -3.57 -15.86 7.68
C LEU A 304 -4.42 -16.97 8.26
N ARG A 305 -3.77 -17.98 8.85
CA ARG A 305 -4.51 -19.15 9.29
C ARG A 305 -5.58 -18.80 10.32
N SER A 306 -5.36 -17.79 11.16
CA SER A 306 -6.36 -17.46 12.18
C SER A 306 -7.53 -16.64 11.67
N THR A 307 -7.47 -16.19 10.41
CA THR A 307 -8.57 -15.43 9.81
C THR A 307 -9.70 -16.31 9.29
N GLY A 308 -9.40 -17.56 8.95
CA GLY A 308 -10.36 -18.44 8.32
C GLY A 308 -10.40 -18.38 6.78
N VAL A 309 -9.81 -17.34 6.18
CA VAL A 309 -9.80 -17.18 4.72
C VAL A 309 -9.01 -18.28 4.02
N ALA A 310 -9.42 -18.64 2.81
CA ALA A 310 -8.62 -19.55 2.00
C ALA A 310 -7.40 -18.84 1.45
N TYR A 311 -6.27 -19.55 1.45
CA TYR A 311 -5.07 -19.08 0.74
C TYR A 311 -4.22 -20.24 0.27
N VAL A 312 -3.52 -20.01 -0.83
CA VAL A 312 -2.47 -20.87 -1.30
C VAL A 312 -1.16 -20.25 -0.84
N ASP A 313 -0.36 -21.07 -0.16
CA ASP A 313 0.89 -20.63 0.43
C ASP A 313 2.06 -20.46 -0.55
N GLY A 314 2.11 -21.33 -1.55
CA GLY A 314 3.21 -21.43 -2.48
C GLY A 314 2.84 -21.03 -3.91
N LEU A 315 3.54 -21.62 -4.88
CA LEU A 315 3.48 -21.21 -6.29
C LEU A 315 2.29 -21.73 -7.10
N TYR A 316 1.80 -22.92 -6.78
CA TYR A 316 0.85 -23.61 -7.65
C TYR A 316 -0.51 -23.88 -7.03
N ASP A 317 -1.52 -23.70 -7.88
CA ASP A 317 -2.92 -23.91 -7.57
C ASP A 317 -3.20 -25.42 -7.45
N PHE B 1 39.29 0.63 17.00
CA PHE B 1 38.81 0.57 15.58
C PHE B 1 37.35 1.01 15.50
N GLU B 2 36.99 1.70 14.42
CA GLU B 2 35.59 1.97 14.12
C GLU B 2 34.82 0.63 14.06
N ASN B 3 33.59 0.63 14.58
CA ASN B 3 32.70 -0.51 14.44
C ASN B 3 32.69 -0.95 12.97
N HIS B 4 33.20 -2.15 12.70
CA HIS B 4 33.24 -2.68 11.33
C HIS B 4 31.85 -2.79 10.72
N LEU B 5 30.83 -2.92 11.57
CA LEU B 5 29.46 -3.01 11.08
C LEU B 5 29.03 -1.74 10.35
N ILE B 6 29.55 -0.58 10.77
CA ILE B 6 29.26 0.70 10.11
C ILE B 6 29.65 0.66 8.65
N SER B 7 30.76 -0.01 8.33
CA SER B 7 31.19 -0.14 6.94
C SER B 7 30.26 -0.99 6.07
N GLU B 8 29.45 -1.83 6.71
CA GLU B 8 28.43 -2.58 5.98
C GLU B 8 27.09 -1.88 5.87
N ILE B 9 26.83 -0.92 6.77
CA ILE B 9 25.54 -0.26 6.84
C ILE B 9 25.52 1.00 6.00
N CYS B 10 26.37 1.96 6.35
CA CYS B 10 26.27 3.28 5.76
C CYS B 10 26.37 3.32 4.23
N PRO B 11 27.32 2.62 3.61
CA PRO B 11 27.40 2.58 2.14
C PRO B 11 26.15 2.05 1.41
N LYS B 12 25.33 1.26 2.07
CA LYS B 12 24.08 0.73 1.49
C LYS B 12 22.88 1.66 1.66
N THR B 13 23.02 2.73 2.44
CA THR B 13 21.91 3.66 2.62
C THR B 13 21.94 4.72 1.53
N ARG B 14 20.83 5.43 1.40
CA ARG B 14 20.73 6.47 0.39
C ARG B 14 21.45 7.76 0.78
N ASN B 15 21.78 7.91 2.07
CA ASN B 15 22.58 9.04 2.52
C ASN B 15 23.66 8.55 3.50
N PRO B 16 24.75 8.02 2.96
CA PRO B 16 25.85 7.52 3.80
C PRO B 16 26.45 8.57 4.75
N SER B 17 26.49 9.83 4.35
CA SER B 17 27.03 10.86 5.22
C SER B 17 26.18 11.01 6.48
N LEU B 18 24.87 11.03 6.29
CA LEU B 18 23.94 11.17 7.40
C LEU B 18 23.97 9.93 8.28
N CYS B 19 24.00 8.77 7.66
CA CYS B 19 24.13 7.52 8.38
C CYS B 19 25.34 7.53 9.32
N LEU B 20 26.50 7.92 8.80
CA LEU B 20 27.72 8.00 9.61
C LEU B 20 27.56 8.97 10.78
N GLN B 21 27.05 10.15 10.50
CA GLN B 21 26.83 11.15 11.52
C GLN B 21 25.92 10.61 12.64
N ALA B 22 24.87 9.90 12.24
CA ALA B 22 23.90 9.36 13.19
C ALA B 22 24.52 8.26 14.05
N LEU B 23 25.21 7.31 13.43
CA LEU B 23 25.82 6.20 14.15
C LEU B 23 27.00 6.67 15.03
N GLU B 24 27.76 7.64 14.55
CA GLU B 24 28.89 8.20 15.32
C GLU B 24 28.41 9.05 16.50
N SER B 25 27.12 9.42 16.53
CA SER B 25 26.58 10.19 17.64
C SER B 25 26.34 9.32 18.90
N ASP B 26 26.49 8.00 18.74
CA ASP B 26 26.44 7.05 19.86
C ASP B 26 27.80 6.96 20.56
N PRO B 27 27.92 7.44 21.80
CA PRO B 27 29.19 7.35 22.52
C PRO B 27 29.69 5.91 22.70
N ARG B 28 28.80 5.05 22.57
CA ARG B 28 29.09 3.62 22.77
C ARG B 28 28.91 2.80 21.49
N SER B 29 29.16 3.42 20.46
CA SER B 29 29.06 2.77 19.15
C SER B 29 29.84 1.45 19.03
N ALA B 30 31.09 1.43 19.49
CA ALA B 30 31.96 0.27 19.29
C ALA B 30 31.49 -1.00 20.03
N SER B 31 30.73 -0.81 21.12
CA SER B 31 30.19 -1.93 21.88
C SER B 31 28.90 -2.53 21.29
N LYS B 32 28.38 -1.95 20.21
CA LYS B 32 27.06 -2.33 19.67
C LYS B 32 27.15 -3.42 18.61
N ASP B 33 26.29 -4.41 18.69
CA ASP B 33 26.14 -5.38 17.60
C ASP B 33 25.06 -4.89 16.64
N LEU B 34 24.72 -5.67 15.63
CA LEU B 34 23.72 -5.24 14.65
C LEU B 34 22.41 -4.87 15.34
N LYS B 35 21.97 -5.68 16.30
CA LYS B 35 20.72 -5.38 17.00
C LYS B 35 20.79 -4.06 17.74
N GLY B 36 21.90 -3.83 18.43
CA GLY B 36 22.12 -2.58 19.13
C GLY B 36 22.11 -1.36 18.21
N LEU B 37 22.76 -1.46 17.06
CA LEU B 37 22.77 -0.37 16.08
C LEU B 37 21.35 -0.15 15.57
N GLY B 38 20.62 -1.26 15.36
CA GLY B 38 19.21 -1.22 14.96
C GLY B 38 18.32 -0.44 15.91
N GLN B 39 18.39 -0.75 17.20
CA GLN B 39 17.56 -0.06 18.19
C GLN B 39 17.90 1.42 18.24
N PHE B 40 19.18 1.73 18.12
CA PHE B 40 19.63 3.11 18.17
C PHE B 40 19.07 3.87 16.97
N SER B 41 19.14 3.22 15.83
CA SER B 41 18.71 3.83 14.57
C SER B 41 17.19 4.00 14.54
N ILE B 42 16.43 3.09 15.14
CA ILE B 42 14.97 3.28 15.22
C ILE B 42 14.69 4.49 16.11
N ASP B 43 15.39 4.59 17.23
CA ASP B 43 15.19 5.70 18.17
C ASP B 43 15.41 7.04 17.48
N ILE B 44 16.48 7.12 16.67
CA ILE B 44 16.80 8.32 15.93
C ILE B 44 15.71 8.66 14.93
N ALA B 45 15.25 7.66 14.18
CA ALA B 45 14.20 7.86 13.19
C ALA B 45 12.90 8.31 13.84
N GLN B 46 12.50 7.65 14.93
CA GLN B 46 11.26 8.03 15.62
C GLN B 46 11.29 9.45 16.19
N ALA B 47 12.42 9.84 16.76
CA ALA B 47 12.60 11.19 17.29
C ALA B 47 12.47 12.25 16.21
N SER B 48 13.00 11.96 15.02
CA SER B 48 12.88 12.86 13.87
C SER B 48 11.42 12.97 13.46
N ALA B 49 10.73 11.84 13.33
CA ALA B 49 9.31 11.84 12.97
C ALA B 49 8.51 12.65 13.98
N LYS B 50 8.86 12.55 15.25
CA LYS B 50 8.12 13.24 16.31
C LYS B 50 8.32 14.74 16.21
N GLN B 51 9.55 15.17 15.95
CA GLN B 51 9.84 16.58 15.75
C GLN B 51 9.09 17.14 14.55
N THR B 52 9.05 16.36 13.46
CA THR B 52 8.42 16.81 12.24
C THR B 52 6.91 16.91 12.38
N SER B 53 6.33 16.02 13.18
CA SER B 53 4.91 16.11 13.52
C SER B 53 4.59 17.50 14.08
N LYS B 54 5.50 18.01 14.92
CA LYS B 54 5.31 19.35 15.52
C LYS B 54 5.51 20.46 14.50
N ILE B 55 6.46 20.27 13.58
CA ILE B 55 6.69 21.20 12.48
C ILE B 55 5.43 21.32 11.62
N ILE B 56 4.81 20.19 11.31
CA ILE B 56 3.60 20.19 10.50
C ILE B 56 2.46 20.90 11.24
N ALA B 57 2.30 20.61 12.52
CA ALA B 57 1.27 21.25 13.31
C ALA B 57 1.46 22.78 13.26
N SER B 58 2.72 23.21 13.35
CA SER B 58 3.05 24.64 13.34
C SER B 58 2.74 25.29 11.98
N LEU B 59 3.05 24.60 10.88
CA LEU B 59 2.74 25.07 9.53
C LEU B 59 1.23 25.20 9.28
N THR B 60 0.48 24.22 9.77
CA THR B 60 -0.99 24.20 9.73
C THR B 60 -1.58 25.41 10.48
N ASN B 61 -1.04 25.66 11.66
CA ASN B 61 -1.53 26.71 12.56
C ASN B 61 -1.37 28.14 11.99
N GLN B 62 -0.61 28.28 10.90
CA GLN B 62 -0.45 29.58 10.24
C GLN B 62 -1.03 29.61 8.83
N ALA B 63 -1.75 28.55 8.47
CA ALA B 63 -2.32 28.41 7.14
C ALA B 63 -3.82 28.65 7.18
N THR B 64 -4.34 29.24 6.11
CA THR B 64 -5.77 29.39 5.92
C THR B 64 -6.28 28.78 4.62
N ASP B 65 -5.40 28.60 3.63
CA ASP B 65 -5.81 28.06 2.35
C ASP B 65 -6.25 26.61 2.51
N PRO B 66 -7.52 26.29 2.22
CA PRO B 66 -8.03 24.92 2.43
C PRO B 66 -7.23 23.79 1.75
N LYS B 67 -6.72 24.01 0.55
CA LYS B 67 -5.98 22.97 -0.17
C LYS B 67 -4.66 22.69 0.54
N LEU B 68 -3.96 23.74 0.92
CA LEU B 68 -2.70 23.63 1.63
C LEU B 68 -2.91 22.93 2.97
N LYS B 69 -3.96 23.31 3.69
CA LYS B 69 -4.28 22.70 4.98
C LYS B 69 -4.56 21.21 4.84
N GLY B 70 -5.21 20.84 3.74
CA GLY B 70 -5.49 19.43 3.46
C GLY B 70 -4.20 18.65 3.20
N ARG B 71 -3.22 19.29 2.55
CA ARG B 71 -1.91 18.67 2.35
C ARG B 71 -1.18 18.47 3.68
N TYR B 72 -1.20 19.50 4.53
CA TYR B 72 -0.59 19.36 5.85
C TYR B 72 -1.29 18.31 6.69
N GLU B 73 -2.61 18.19 6.56
CA GLU B 73 -3.34 17.24 7.39
C GLU B 73 -2.97 15.82 6.95
N THR B 74 -2.79 15.63 5.65
CA THR B 74 -2.36 14.34 5.11
C THR B 74 -0.96 14.02 5.66
N CYS B 75 -0.06 15.00 5.62
CA CYS B 75 1.29 14.83 6.15
C CYS B 75 1.25 14.43 7.61
N SER B 76 0.40 15.13 8.36
CA SER B 76 0.23 14.88 9.78
C SER B 76 -0.24 13.43 10.06
N GLU B 77 -1.22 12.96 9.31
CA GLU B 77 -1.73 11.59 9.48
C GLU B 77 -0.66 10.55 9.17
N ASN B 78 0.11 10.80 8.12
CA ASN B 78 1.20 9.93 7.72
C ASN B 78 2.32 9.87 8.74
N TYR B 79 2.66 11.03 9.33
CA TYR B 79 3.70 11.03 10.35
C TYR B 79 3.21 10.32 11.61
N ALA B 80 1.93 10.45 11.93
CA ALA B 80 1.37 9.79 13.09
C ALA B 80 1.49 8.28 12.92
N ASP B 81 1.18 7.79 11.73
CA ASP B 81 1.30 6.38 11.42
C ASP B 81 2.77 5.94 11.44
N ALA B 82 3.66 6.76 10.88
CA ALA B 82 5.09 6.47 10.89
C ALA B 82 5.63 6.33 12.32
N ILE B 83 5.21 7.22 13.22
CA ILE B 83 5.63 7.16 14.61
C ILE B 83 5.18 5.85 15.25
N ASP B 84 3.92 5.50 15.00
CA ASP B 84 3.37 4.25 15.50
C ASP B 84 4.13 3.03 14.98
N SER B 85 4.46 3.04 13.70
CA SER B 85 5.12 1.93 13.06
C SER B 85 6.55 1.77 13.56
N LEU B 86 7.24 2.88 13.80
CA LEU B 86 8.59 2.81 14.33
C LEU B 86 8.58 2.31 15.79
N GLY B 87 7.56 2.69 16.55
CA GLY B 87 7.37 2.17 17.89
C GLY B 87 7.29 0.66 17.91
N GLN B 88 6.54 0.10 16.97
CA GLN B 88 6.37 -1.34 16.86
C GLN B 88 7.63 -2.02 16.32
N ALA B 89 8.36 -1.31 15.47
CA ALA B 89 9.62 -1.79 14.94
C ALA B 89 10.59 -2.17 16.06
N LYS B 90 10.62 -1.41 17.15
CA LYS B 90 11.50 -1.77 18.28
C LYS B 90 11.18 -3.17 18.83
N GLN B 91 9.91 -3.46 19.01
CA GLN B 91 9.49 -4.73 19.59
C GLN B 91 9.80 -5.89 18.64
N PHE B 92 9.62 -5.66 17.34
CA PHE B 92 9.92 -6.67 16.35
C PHE B 92 11.41 -7.00 16.32
N LEU B 93 12.26 -5.97 16.44
CA LEU B 93 13.70 -6.17 16.45
C LEU B 93 14.10 -7.01 17.70
N THR B 94 13.53 -6.67 18.86
CA THR B 94 13.78 -7.40 20.10
C THR B 94 13.42 -8.87 19.99
N SER B 95 12.29 -9.12 19.32
CA SER B 95 11.76 -10.49 19.19
C SER B 95 12.48 -11.27 18.07
N GLY B 96 13.31 -10.61 17.28
CA GLY B 96 13.99 -11.28 16.19
C GLY B 96 13.13 -11.45 14.94
N ASP B 97 12.04 -10.70 14.84
CA ASP B 97 11.18 -10.77 13.67
C ASP B 97 11.63 -9.68 12.67
N TYR B 98 12.66 -10.01 11.90
CA TYR B 98 13.29 -9.04 11.02
C TYR B 98 12.44 -8.76 9.79
N ASN B 99 11.57 -9.71 9.42
CA ASN B 99 10.65 -9.48 8.31
C ASN B 99 9.66 -8.40 8.69
N SER B 100 9.09 -8.46 9.89
CA SER B 100 8.17 -7.43 10.34
C SER B 100 8.90 -6.11 10.53
N LEU B 101 10.13 -6.16 11.01
CA LEU B 101 10.92 -4.94 11.18
C LEU B 101 11.05 -4.22 9.85
N ASN B 102 11.38 -4.95 8.78
CA ASN B 102 11.52 -4.31 7.47
C ASN B 102 10.21 -3.65 7.03
N ILE B 103 9.12 -4.41 7.09
CA ILE B 103 7.81 -3.93 6.69
C ILE B 103 7.42 -2.64 7.44
N TYR B 104 7.63 -2.59 8.74
CA TYR B 104 7.22 -1.44 9.53
C TYR B 104 8.14 -0.24 9.28
N ALA B 105 9.44 -0.49 9.12
CA ALA B 105 10.36 0.59 8.72
C ALA B 105 10.06 1.10 7.31
N SER B 106 9.65 0.20 6.42
CA SER B 106 9.25 0.58 5.07
C SER B 106 8.01 1.47 5.10
N ALA B 107 7.06 1.14 5.99
CA ALA B 107 5.84 1.93 6.12
C ALA B 107 6.14 3.32 6.66
N ALA B 108 7.04 3.39 7.63
CA ALA B 108 7.45 4.67 8.22
C ALA B 108 8.10 5.56 7.17
N PHE B 109 9.07 5.01 6.46
CA PHE B 109 9.70 5.67 5.32
C PHE B 109 8.66 6.29 4.40
N ASP B 110 7.62 5.52 4.08
CA ASP B 110 6.59 5.94 3.15
C ASP B 110 5.63 7.00 3.71
N GLY B 111 5.59 7.18 5.02
CA GLY B 111 4.86 8.31 5.58
C GLY B 111 5.43 9.63 5.08
N ALA B 112 6.76 9.74 5.09
CA ALA B 112 7.43 10.95 4.59
C ALA B 112 7.24 11.09 3.09
N GLY B 113 7.32 9.97 2.38
CA GLY B 113 7.15 9.96 0.94
C GLY B 113 5.74 10.31 0.50
N THR B 114 4.77 9.93 1.30
CA THR B 114 3.38 10.24 1.01
C THR B 114 3.12 11.73 1.23
N CYS B 115 3.76 12.30 2.25
CA CYS B 115 3.72 13.75 2.44
C CYS B 115 4.26 14.42 1.18
N GLU B 116 5.44 13.97 0.72
CA GLU B 116 6.08 14.49 -0.48
C GLU B 116 5.18 14.40 -1.71
N ASP B 117 4.60 13.22 -1.92
CA ASP B 117 3.69 13.00 -3.04
C ASP B 117 2.44 13.89 -3.00
N SER B 118 2.02 14.30 -1.81
CA SER B 118 0.81 15.12 -1.65
C SER B 118 1.02 16.58 -2.07
N PHE B 119 2.28 16.98 -2.23
CA PHE B 119 2.62 18.34 -2.64
C PHE B 119 3.00 18.40 -4.12
N GLU B 120 2.17 17.85 -4.97
CA GLU B 120 2.44 17.87 -6.40
C GLU B 120 1.67 19.01 -7.02
N GLY B 121 2.44 19.93 -7.60
CA GLY B 121 1.92 21.19 -8.08
C GLY B 121 1.71 22.13 -6.91
N PRO B 122 1.26 23.35 -7.18
CA PRO B 122 0.92 24.29 -6.11
C PRO B 122 -0.30 23.85 -5.29
N PRO B 123 -0.41 24.24 -4.02
CA PRO B 123 0.59 25.07 -3.33
C PRO B 123 1.82 24.25 -2.94
N ASN B 124 3.01 24.79 -3.20
CA ASN B 124 4.26 24.07 -3.06
C ASN B 124 4.65 23.81 -1.62
N ILE B 125 5.43 22.76 -1.42
CA ILE B 125 5.83 22.37 -0.09
C ILE B 125 6.83 23.37 0.47
N PRO B 126 6.71 23.69 1.75
CA PRO B 126 7.75 24.47 2.42
C PRO B 126 9.06 23.70 2.45
N THR B 127 10.16 24.38 2.15
CA THR B 127 11.49 23.78 2.19
C THR B 127 11.76 23.03 3.48
N GLN B 128 11.36 23.61 4.62
CA GLN B 128 11.53 22.99 5.94
C GLN B 128 10.94 21.57 5.98
N LEU B 129 9.75 21.42 5.40
CA LEU B 129 9.07 20.12 5.41
C LEU B 129 9.69 19.18 4.39
N HIS B 130 10.04 19.70 3.21
CA HIS B 130 10.73 18.89 2.22
C HIS B 130 11.99 18.27 2.85
N GLN B 131 12.77 19.07 3.58
CA GLN B 131 14.00 18.56 4.19
C GLN B 131 13.72 17.54 5.28
N ALA B 132 12.67 17.77 6.06
CA ALA B 132 12.29 16.88 7.14
C ALA B 132 11.82 15.51 6.62
N ASP B 133 11.08 15.50 5.49
CA ASP B 133 10.68 14.26 4.81
C ASP B 133 11.90 13.47 4.36
N LEU B 134 12.84 14.15 3.70
CA LEU B 134 14.03 13.47 3.17
C LEU B 134 14.87 12.92 4.30
N LYS B 135 14.86 13.63 5.44
CA LYS B 135 15.59 13.17 6.60
C LYS B 135 14.97 11.90 7.19
N LEU B 136 13.64 11.85 7.32
CA LEU B 136 13.02 10.65 7.84
C LEU B 136 13.30 9.49 6.92
N GLU B 137 13.26 9.74 5.62
CA GLU B 137 13.52 8.71 4.62
C GLU B 137 14.94 8.17 4.80
N ASP B 138 15.91 9.07 4.93
CA ASP B 138 17.32 8.69 5.09
C ASP B 138 17.53 7.89 6.38
N LEU B 139 16.87 8.32 7.45
CA LEU B 139 17.02 7.68 8.75
C LEU B 139 16.36 6.31 8.76
N CYS B 140 15.20 6.20 8.15
CA CYS B 140 14.47 4.93 8.07
C CYS B 140 15.25 3.95 7.21
N ASP B 141 15.97 4.46 6.23
CA ASP B 141 16.79 3.61 5.38
C ASP B 141 17.92 2.94 6.17
N ILE B 142 18.46 3.60 7.19
CA ILE B 142 19.45 2.97 8.06
C ILE B 142 18.81 1.74 8.71
N VAL B 143 17.58 1.90 9.18
CA VAL B 143 16.88 0.81 9.82
C VAL B 143 16.63 -0.31 8.83
N LEU B 144 16.23 0.03 7.62
CA LEU B 144 15.96 -0.98 6.60
C LEU B 144 17.23 -1.78 6.28
N VAL B 145 18.36 -1.10 6.17
CA VAL B 145 19.62 -1.77 5.83
C VAL B 145 19.99 -2.76 6.94
N ILE B 146 19.84 -2.32 8.17
CA ILE B 146 20.17 -3.17 9.29
C ILE B 146 19.23 -4.37 9.32
N SER B 147 17.94 -4.15 9.03
CA SER B 147 16.96 -5.26 9.02
C SER B 147 17.33 -6.33 7.98
N ASN B 148 17.99 -5.93 6.89
CA ASN B 148 18.39 -6.90 5.87
C ASN B 148 19.73 -7.58 6.19
N LEU B 149 20.57 -6.94 6.98
CA LEU B 149 21.84 -7.55 7.41
C LEU B 149 21.65 -8.56 8.55
N LEU B 150 20.61 -8.38 9.36
CA LEU B 150 20.36 -9.29 10.49
C LEU B 150 20.02 -10.68 9.95
N PRO B 151 20.40 -11.74 10.65
CA PRO B 151 20.34 -13.10 10.06
C PRO B 151 18.91 -13.51 9.66
#